data_5UPJ
#
_entry.id   5UPJ
#
_cell.length_a   33.382
_cell.length_b   45.281
_cell.length_c   133.359
_cell.angle_alpha   90.00
_cell.angle_beta   90.00
_cell.angle_gamma   90.00
#
_symmetry.space_group_name_H-M   'P 21 21 21'
#
loop_
_entity.id
_entity.type
_entity.pdbx_description
1 polymer 'HIV-2 PROTEASE'
2 non-polymer 5,6,7,8,9,10-HEXAHYDRO-4-HYDROXY-3-(1-PHENYLPROPYL)CYCLOOCTA[B]PYRAN-2-ONE
3 water water
#
_entity_poly.entity_id   1
_entity_poly.type   'polypeptide(L)'
_entity_poly.pdbx_seq_one_letter_code
;PQFSLWKRPVVTAYIEGQPVEVLLDTGADDSIVAGIELGNNYSPKIVGGIGGFINTLEYKNVEIEVLNKKVRATIMTGDT
PINIFGRNILTALGMSLNL
;
_entity_poly.pdbx_strand_id   A,B
#
loop_
_chem_comp.id
_chem_comp.type
_chem_comp.name
_chem_comp.formula
UIN non-polymer 5,6,7,8,9,10-HEXAHYDRO-4-HYDROXY-3-(1-PHENYLPROPYL)CYCLOOCTA[B]PYRAN-2-ONE 'C20 H24 O3'
#
# COMPACT_ATOMS: atom_id res chain seq x y z
N PRO A 1 1.31 -15.54 -11.47
CA PRO A 1 2.63 -15.18 -10.88
C PRO A 1 2.54 -15.05 -9.38
N GLN A 2 3.68 -14.99 -8.70
CA GLN A 2 3.65 -14.87 -7.25
C GLN A 2 4.71 -13.87 -6.83
N PHE A 3 4.34 -12.95 -5.95
CA PHE A 3 5.29 -11.94 -5.49
C PHE A 3 5.59 -12.24 -4.03
N SER A 4 6.88 -12.28 -3.70
CA SER A 4 7.35 -12.56 -2.33
C SER A 4 7.44 -11.37 -1.39
N LEU A 5 7.30 -10.17 -1.95
CA LEU A 5 7.32 -8.97 -1.15
C LEU A 5 8.62 -8.65 -0.42
N TRP A 6 9.68 -9.44 -0.62
CA TRP A 6 10.98 -9.17 0.00
C TRP A 6 11.61 -8.00 -0.74
N LYS A 7 11.16 -7.79 -1.97
CA LYS A 7 11.70 -6.76 -2.82
C LYS A 7 10.74 -5.80 -3.57
N ARG A 8 9.55 -5.52 -3.04
CA ARG A 8 8.66 -4.54 -3.69
C ARG A 8 8.03 -4.98 -5.02
N PRO A 9 6.76 -5.34 -5.00
CA PRO A 9 6.03 -5.78 -6.19
C PRO A 9 5.84 -4.71 -7.24
N VAL A 10 6.82 -4.58 -8.12
CA VAL A 10 6.78 -3.60 -9.18
C VAL A 10 6.71 -4.26 -10.55
N VAL A 11 5.84 -3.75 -11.42
CA VAL A 11 5.64 -4.27 -12.75
C VAL A 11 5.49 -3.15 -13.77
N THR A 12 5.42 -3.55 -15.04
CA THR A 12 5.27 -2.64 -16.18
C THR A 12 3.84 -2.83 -16.72
N ALA A 13 3.09 -1.75 -16.74
CA ALA A 13 1.74 -1.79 -17.23
C ALA A 13 1.66 -0.77 -18.34
N TYR A 14 0.78 -0.99 -19.30
CA TYR A 14 0.60 -0.04 -20.41
C TYR A 14 -0.77 0.60 -20.24
N ILE A 15 -0.79 1.92 -20.27
CA ILE A 15 -2.00 2.69 -20.10
C ILE A 15 -2.32 3.25 -21.48
N GLU A 16 -3.28 2.62 -22.16
CA GLU A 16 -3.64 3.00 -23.53
C GLU A 16 -2.35 2.99 -24.38
N GLY A 17 -1.55 1.94 -24.21
CA GLY A 17 -0.31 1.79 -24.96
C GLY A 17 1.01 2.28 -24.39
N GLN A 18 0.99 3.28 -23.52
CA GLN A 18 2.22 3.83 -22.93
C GLN A 18 2.66 2.94 -21.78
N PRO A 19 3.92 2.49 -21.77
CA PRO A 19 4.45 1.63 -20.70
C PRO A 19 4.90 2.44 -19.50
N VAL A 20 4.52 1.97 -18.31
CA VAL A 20 4.92 2.65 -17.09
C VAL A 20 5.35 1.59 -16.07
N GLU A 21 5.90 2.01 -14.94
CA GLU A 21 6.34 1.10 -13.89
C GLU A 21 5.42 1.44 -12.76
N VAL A 22 4.79 0.43 -12.16
CA VAL A 22 3.84 0.65 -11.10
C VAL A 22 4.02 -0.32 -9.95
N LEU A 23 3.74 0.13 -8.74
CA LEU A 23 3.84 -0.70 -7.54
C LEU A 23 2.44 -1.25 -7.20
N LEU A 24 2.37 -2.53 -6.90
CA LEU A 24 1.10 -3.18 -6.55
C LEU A 24 0.80 -2.87 -5.08
N ASP A 25 -0.21 -2.02 -4.86
CA ASP A 25 -0.59 -1.55 -3.53
C ASP A 25 -1.91 -2.13 -3.04
N THR A 26 -1.86 -2.91 -1.95
CA THR A 26 -3.05 -3.53 -1.37
C THR A 26 -3.83 -2.65 -0.37
N GLY A 27 -3.21 -1.54 0.02
CA GLY A 27 -3.87 -0.63 0.93
C GLY A 27 -4.57 0.55 0.28
N ALA A 28 -4.21 0.86 -0.96
CA ALA A 28 -4.81 1.99 -1.64
C ALA A 28 -6.10 1.56 -2.32
N ASP A 29 -7.13 2.38 -2.28
CA ASP A 29 -8.40 2.04 -2.89
C ASP A 29 -8.42 2.37 -4.37
N ASP A 30 -7.64 3.38 -4.74
CA ASP A 30 -7.57 3.88 -6.10
C ASP A 30 -6.19 3.70 -6.67
N SER A 31 -6.00 4.17 -7.90
CA SER A 31 -4.71 4.06 -8.54
C SER A 31 -4.33 5.43 -9.11
N ILE A 32 -3.04 5.75 -9.03
CA ILE A 32 -2.52 7.00 -9.55
C ILE A 32 -1.13 6.79 -10.14
N VAL A 33 -0.90 7.44 -11.28
CA VAL A 33 0.38 7.36 -12.00
C VAL A 33 0.85 8.74 -12.46
N ALA A 34 2.16 8.91 -12.57
CA ALA A 34 2.74 10.19 -12.99
C ALA A 34 3.11 10.24 -14.45
N GLY A 35 2.73 11.33 -15.13
CA GLY A 35 3.11 11.47 -16.52
C GLY A 35 2.18 11.11 -17.67
N ILE A 36 1.42 10.04 -17.53
CA ILE A 36 0.49 9.66 -18.59
C ILE A 36 -0.45 10.82 -18.92
N GLU A 37 -0.74 10.95 -20.20
CA GLU A 37 -1.63 12.00 -20.67
C GLU A 37 -2.61 11.25 -21.52
N LEU A 38 -3.87 11.31 -21.13
CA LEU A 38 -4.91 10.58 -21.83
C LEU A 38 -5.92 11.55 -22.38
N GLY A 39 -7.04 11.03 -22.82
CA GLY A 39 -8.07 11.87 -23.36
C GLY A 39 -9.50 11.47 -22.91
N ASN A 40 -9.61 10.36 -22.19
CA ASN A 40 -10.93 9.90 -21.70
C ASN A 40 -11.61 11.01 -20.93
N ASN A 41 -12.81 10.76 -20.44
CA ASN A 41 -13.49 11.79 -19.67
C ASN A 41 -12.73 11.95 -18.38
N TYR A 42 -12.54 13.19 -17.92
CA TYR A 42 -11.82 13.40 -16.68
C TYR A 42 -12.43 14.41 -15.76
N SER A 43 -12.12 14.25 -14.48
CA SER A 43 -12.66 15.14 -13.46
C SER A 43 -11.50 15.51 -12.52
N PRO A 44 -11.37 16.79 -12.15
CA PRO A 44 -10.30 17.23 -11.24
C PRO A 44 -10.59 16.63 -9.86
N LYS A 45 -9.56 16.19 -9.16
CA LYS A 45 -9.78 15.54 -7.90
C LYS A 45 -8.52 15.69 -7.07
N ILE A 46 -8.64 15.64 -5.74
CA ILE A 46 -7.46 15.71 -4.88
C ILE A 46 -7.49 14.48 -3.95
N VAL A 47 -6.33 13.90 -3.72
CA VAL A 47 -6.24 12.73 -2.86
C VAL A 47 -5.33 12.94 -1.66
N GLY A 48 -5.56 12.14 -0.64
CA GLY A 48 -4.75 12.23 0.56
C GLY A 48 -3.84 11.03 0.69
N GLY A 49 -2.55 11.26 0.70
CA GLY A 49 -1.60 10.17 0.87
C GLY A 49 -1.25 10.06 2.34
N ILE A 50 -0.29 9.23 2.68
CA ILE A 50 0.08 9.10 4.10
C ILE A 50 0.77 10.34 4.68
N GLY A 51 0.88 11.40 3.89
CA GLY A 51 1.56 12.59 4.37
C GLY A 51 1.01 13.93 3.92
N GLY A 52 0.00 13.95 3.07
CA GLY A 52 -0.54 15.21 2.60
C GLY A 52 -1.38 15.03 1.37
N PHE A 53 -1.99 16.09 0.89
CA PHE A 53 -2.84 15.99 -0.27
C PHE A 53 -2.11 16.36 -1.57
N ILE A 54 -2.53 15.73 -2.67
CA ILE A 54 -1.95 15.96 -3.99
C ILE A 54 -3.08 16.25 -4.99
N ASN A 55 -2.87 17.15 -5.93
CA ASN A 55 -3.89 17.49 -6.93
C ASN A 55 -3.80 16.54 -8.13
N THR A 56 -4.91 15.87 -8.43
CA THR A 56 -4.98 14.90 -9.53
C THR A 56 -6.09 15.18 -10.53
N LEU A 57 -6.00 14.49 -11.67
CA LEU A 57 -7.00 14.57 -12.70
C LEU A 57 -7.44 13.11 -12.74
N GLU A 58 -8.74 12.85 -12.77
CA GLU A 58 -9.27 11.47 -12.80
C GLU A 58 -9.94 11.08 -14.12
N TYR A 59 -9.49 9.97 -14.69
CA TYR A 59 -10.00 9.43 -15.96
C TYR A 59 -10.77 8.16 -15.72
N LYS A 60 -11.82 7.98 -16.51
CA LYS A 60 -12.66 6.79 -16.42
C LYS A 60 -12.54 6.02 -17.75
N ASN A 61 -12.88 4.74 -17.72
CA ASN A 61 -12.84 3.93 -18.93
C ASN A 61 -11.48 3.86 -19.62
N VAL A 62 -10.41 3.79 -18.83
CA VAL A 62 -9.05 3.73 -19.36
C VAL A 62 -8.58 2.29 -19.62
N GLU A 63 -8.12 2.01 -20.83
CA GLU A 63 -7.67 0.64 -21.13
C GLU A 63 -6.31 0.44 -20.55
N ILE A 64 -6.17 -0.61 -19.74
CA ILE A 64 -4.92 -0.92 -19.06
C ILE A 64 -4.45 -2.36 -19.26
N GLU A 65 -3.19 -2.53 -19.61
CA GLU A 65 -2.68 -3.88 -19.76
C GLU A 65 -1.62 -4.11 -18.73
N VAL A 66 -1.83 -5.11 -17.88
CA VAL A 66 -0.87 -5.44 -16.85
C VAL A 66 -0.87 -6.96 -16.75
N LEU A 67 0.30 -7.52 -16.44
CA LEU A 67 0.50 -8.96 -16.32
C LEU A 67 -0.24 -9.80 -17.38
N ASN A 68 -0.29 -9.27 -18.61
CA ASN A 68 -0.91 -9.97 -19.73
C ASN A 68 -2.44 -10.06 -19.67
N LYS A 69 -3.07 -9.12 -18.96
CA LYS A 69 -4.51 -9.11 -18.82
C LYS A 69 -5.01 -7.72 -19.13
N LYS A 70 -6.02 -7.58 -19.99
CA LYS A 70 -6.53 -6.24 -20.28
C LYS A 70 -7.74 -5.91 -19.42
N VAL A 71 -7.83 -4.64 -19.03
CA VAL A 71 -8.93 -4.18 -18.20
C VAL A 71 -9.34 -2.74 -18.57
N ARG A 72 -10.55 -2.38 -18.16
CA ARG A 72 -11.11 -1.07 -18.43
C ARG A 72 -11.18 -0.49 -17.02
N ALA A 73 -10.51 0.62 -16.75
CA ALA A 73 -10.56 1.09 -15.38
C ALA A 73 -10.48 2.58 -15.14
N THR A 74 -10.51 2.94 -13.86
CA THR A 74 -10.44 4.30 -13.37
C THR A 74 -9.05 4.48 -12.78
N ILE A 75 -8.35 5.53 -13.18
CA ILE A 75 -7.01 5.79 -12.70
C ILE A 75 -6.80 7.28 -12.60
N MET A 76 -5.85 7.72 -11.79
CA MET A 76 -5.57 9.15 -11.63
C MET A 76 -4.15 9.52 -12.04
N THR A 77 -3.97 10.76 -12.50
CA THR A 77 -2.66 11.27 -12.91
C THR A 77 -2.32 12.57 -12.16
N GLY A 78 -1.05 12.70 -11.74
CA GLY A 78 -0.59 13.87 -11.00
C GLY A 78 0.87 13.77 -10.67
N ASP A 79 1.45 14.74 -10.00
CA ASP A 79 2.86 14.63 -9.67
C ASP A 79 3.00 13.80 -8.39
N THR A 80 2.94 12.48 -8.54
CA THR A 80 3.09 11.58 -7.41
C THR A 80 4.55 11.07 -7.39
N PRO A 81 5.13 10.89 -6.20
CA PRO A 81 6.51 10.40 -6.20
C PRO A 81 6.60 8.90 -6.56
N ILE A 82 5.51 8.16 -6.36
CA ILE A 82 5.49 6.73 -6.67
C ILE A 82 4.21 6.32 -7.38
N ASN A 83 4.33 5.54 -8.44
CA ASN A 83 3.16 5.09 -9.18
C ASN A 83 2.62 3.84 -8.52
N ILE A 84 1.34 3.83 -8.22
CA ILE A 84 0.72 2.68 -7.57
C ILE A 84 -0.56 2.25 -8.23
N PHE A 85 -0.82 0.95 -8.19
CA PHE A 85 -2.07 0.40 -8.70
C PHE A 85 -2.80 -0.07 -7.45
N GLY A 86 -3.96 0.48 -7.18
CA GLY A 86 -4.74 0.13 -6.01
C GLY A 86 -5.67 -1.03 -6.19
N ARG A 87 -6.52 -1.26 -5.20
CA ARG A 87 -7.48 -2.37 -5.21
C ARG A 87 -8.52 -2.35 -6.34
N ASN A 88 -8.78 -1.19 -6.94
CA ASN A 88 -9.77 -1.17 -8.02
C ASN A 88 -9.34 -1.95 -9.26
N ILE A 89 -8.02 -1.99 -9.49
CA ILE A 89 -7.44 -2.69 -10.64
C ILE A 89 -7.01 -4.08 -10.15
N LEU A 90 -6.51 -4.14 -8.92
CA LEU A 90 -6.07 -5.40 -8.38
C LEU A 90 -7.21 -6.39 -8.40
N THR A 91 -8.40 -5.95 -8.02
CA THR A 91 -9.57 -6.83 -7.97
C THR A 91 -10.03 -7.28 -9.33
N ALA A 92 -9.88 -6.41 -10.32
CA ALA A 92 -10.26 -6.72 -11.68
C ALA A 92 -9.33 -7.79 -12.24
N LEU A 93 -8.14 -7.91 -11.65
CA LEU A 93 -7.16 -8.89 -12.12
C LEU A 93 -7.37 -10.21 -11.41
N GLY A 94 -7.91 -10.16 -10.21
CA GLY A 94 -8.13 -11.38 -9.45
C GLY A 94 -6.96 -11.74 -8.55
N MET A 95 -6.15 -10.76 -8.20
CA MET A 95 -5.00 -10.97 -7.33
C MET A 95 -5.45 -11.17 -5.90
N SER A 96 -4.62 -11.77 -5.07
CA SER A 96 -5.01 -11.94 -3.69
C SER A 96 -3.80 -11.92 -2.78
N LEU A 97 -4.08 -11.97 -1.49
CA LEU A 97 -3.07 -11.94 -0.46
C LEU A 97 -3.25 -13.24 0.31
N ASN A 98 -2.22 -14.07 0.34
CA ASN A 98 -2.34 -15.36 1.04
C ASN A 98 -1.30 -15.53 2.12
N LEU A 99 -1.54 -16.51 2.97
CA LEU A 99 -0.69 -16.84 4.10
C LEU A 99 -0.78 -18.36 4.27
N PRO B 1 -4.71 -18.25 5.71
CA PRO B 1 -5.91 -17.64 5.07
C PRO B 1 -5.70 -17.07 3.66
N GLN B 2 -6.79 -16.62 3.04
CA GLN B 2 -6.72 -16.04 1.70
C GLN B 2 -7.57 -14.78 1.82
N PHE B 3 -6.96 -13.65 1.52
CA PHE B 3 -7.63 -12.36 1.58
C PHE B 3 -8.03 -11.98 0.17
N SER B 4 -9.31 -11.73 -0.06
CA SER B 4 -9.76 -11.29 -1.37
C SER B 4 -9.52 -9.79 -1.34
N LEU B 5 -9.34 -9.14 -2.48
CA LEU B 5 -9.12 -7.70 -2.39
C LEU B 5 -10.41 -6.91 -2.48
N TRP B 6 -11.55 -7.61 -2.52
CA TRP B 6 -12.83 -6.90 -2.57
C TRP B 6 -13.07 -6.06 -1.31
N LYS B 7 -12.38 -6.40 -0.22
CA LYS B 7 -12.50 -5.65 1.02
C LYS B 7 -11.11 -5.24 1.47
N ARG B 8 -11.02 -4.12 2.19
CA ARG B 8 -9.72 -3.65 2.65
C ARG B 8 -9.10 -4.65 3.60
N PRO B 9 -7.86 -5.07 3.33
CA PRO B 9 -7.17 -6.05 4.19
C PRO B 9 -6.86 -5.42 5.55
N VAL B 10 -7.91 -5.24 6.36
CA VAL B 10 -7.82 -4.66 7.70
C VAL B 10 -7.97 -5.78 8.74
N VAL B 11 -6.98 -5.94 9.63
CA VAL B 11 -7.06 -6.99 10.66
C VAL B 11 -6.84 -6.39 12.03
N THR B 12 -7.00 -7.22 13.04
CA THR B 12 -6.75 -6.80 14.41
C THR B 12 -5.42 -7.39 14.78
N ALA B 13 -4.55 -6.54 15.30
CA ALA B 13 -3.21 -6.90 15.69
C ALA B 13 -3.00 -6.62 17.17
N TYR B 14 -2.12 -7.40 17.78
CA TYR B 14 -1.83 -7.25 19.20
C TYR B 14 -0.35 -6.94 19.40
N ILE B 15 -0.01 -5.66 19.41
CA ILE B 15 1.37 -5.22 19.60
C ILE B 15 1.62 -5.01 21.10
N GLU B 16 2.53 -5.81 21.66
CA GLU B 16 2.87 -5.76 23.09
C GLU B 16 1.62 -5.80 23.98
N GLY B 17 0.54 -6.41 23.47
CA GLY B 17 -0.70 -6.50 24.22
C GLY B 17 -1.81 -5.53 23.81
N GLN B 18 -1.40 -4.43 23.19
CA GLN B 18 -2.37 -3.44 22.78
C GLN B 18 -3.02 -3.76 21.44
N PRO B 19 -4.36 -3.73 21.39
CA PRO B 19 -5.24 -4.01 20.23
C PRO B 19 -5.38 -2.86 19.23
N VAL B 20 -4.85 -3.05 18.02
CA VAL B 20 -4.90 -2.06 16.93
C VAL B 20 -5.51 -2.61 15.62
N GLU B 21 -6.13 -1.74 14.83
CA GLU B 21 -6.70 -2.07 13.52
C GLU B 21 -5.62 -1.67 12.53
N VAL B 22 -5.11 -2.62 11.77
CA VAL B 22 -4.06 -2.35 10.80
C VAL B 22 -4.41 -2.77 9.37
N LEU B 23 -3.96 -1.98 8.41
CA LEU B 23 -4.19 -2.25 7.01
C LEU B 23 -2.95 -2.91 6.46
N LEU B 24 -3.13 -4.07 5.84
CA LEU B 24 -1.98 -4.78 5.26
C LEU B 24 -1.72 -4.14 3.89
N ASP B 25 -0.56 -3.47 3.79
CA ASP B 25 -0.14 -2.71 2.61
C ASP B 25 1.18 -3.19 1.96
N THR B 26 1.11 -3.89 0.82
CA THR B 26 2.30 -4.40 0.12
C THR B 26 3.19 -3.30 -0.48
N GLY B 27 2.71 -2.07 -0.47
CA GLY B 27 3.50 -0.98 -1.01
C GLY B 27 4.24 -0.23 0.07
N ALA B 28 3.93 -0.53 1.33
CA ALA B 28 4.58 0.12 2.45
C ALA B 28 5.89 -0.60 2.75
N ASP B 29 7.00 0.13 2.70
CA ASP B 29 8.31 -0.45 2.97
C ASP B 29 8.47 -0.77 4.45
N ASP B 30 7.78 0.01 5.28
CA ASP B 30 7.84 -0.14 6.74
C ASP B 30 6.47 -0.30 7.35
N SER B 31 6.38 -0.12 8.67
CA SER B 31 5.12 -0.22 9.38
C SER B 31 5.00 0.94 10.34
N ILE B 32 3.86 1.63 10.32
CA ILE B 32 3.67 2.82 11.15
C ILE B 32 2.29 2.85 11.78
N VAL B 33 2.23 2.76 13.11
CA VAL B 33 0.95 2.80 13.80
C VAL B 33 0.93 3.99 14.75
N ALA B 34 -0.26 4.52 14.98
CA ALA B 34 -0.39 5.66 15.85
C ALA B 34 -1.17 5.27 17.08
N GLY B 35 -1.01 6.04 18.14
CA GLY B 35 -1.74 5.81 19.36
C GLY B 35 -1.36 4.66 20.27
N ILE B 36 -0.10 4.26 20.18
CA ILE B 36 0.42 3.14 20.97
C ILE B 36 1.73 3.58 21.64
N GLU B 37 1.89 3.22 22.91
CA GLU B 37 3.08 3.54 23.70
C GLU B 37 3.97 2.33 23.77
N LEU B 38 5.21 2.48 23.33
CA LEU B 38 6.12 1.35 23.31
C LEU B 38 7.45 1.51 24.02
N GLY B 39 7.57 2.50 24.90
CA GLY B 39 8.81 2.65 25.63
C GLY B 39 9.64 3.88 25.37
N ASN B 40 10.69 4.03 26.16
CA ASN B 40 11.59 5.17 26.06
C ASN B 40 12.93 4.78 25.52
N ASN B 41 12.93 3.91 24.52
CA ASN B 41 14.16 3.44 23.88
C ASN B 41 13.84 3.37 22.39
N TYR B 42 13.87 4.51 21.72
CA TYR B 42 13.50 4.58 20.30
C TYR B 42 14.51 5.34 19.45
N SER B 43 14.24 5.44 18.16
CA SER B 43 15.13 6.12 17.23
C SER B 43 14.33 7.03 16.31
N PRO B 44 14.68 8.33 16.24
CA PRO B 44 13.92 9.21 15.35
C PRO B 44 14.19 8.95 13.86
N LYS B 45 13.11 8.65 13.14
CA LYS B 45 13.18 8.40 11.68
C LYS B 45 12.31 9.42 10.94
N ILE B 46 12.30 9.32 9.63
CA ILE B 46 11.51 10.18 8.75
C ILE B 46 11.17 9.25 7.58
N VAL B 47 9.91 9.19 7.20
CA VAL B 47 9.54 8.34 6.08
C VAL B 47 8.69 9.17 5.12
N GLY B 48 8.90 8.98 3.84
CA GLY B 48 8.13 9.72 2.88
C GLY B 48 7.16 8.80 2.18
N GLY B 49 6.21 9.42 1.51
CA GLY B 49 5.20 8.71 0.73
C GLY B 49 4.46 9.72 -0.11
N ILE B 50 3.26 9.38 -0.56
CA ILE B 50 2.49 10.31 -1.39
C ILE B 50 1.96 11.50 -0.58
N GLY B 51 2.26 12.70 -1.07
CA GLY B 51 1.80 13.91 -0.42
C GLY B 51 2.79 14.52 0.55
N GLY B 52 3.70 13.73 1.13
CA GLY B 52 4.65 14.28 2.07
C GLY B 52 5.39 13.31 2.96
N PHE B 53 6.06 13.87 3.97
CA PHE B 53 6.85 13.09 4.94
C PHE B 53 6.15 13.06 6.29
N ILE B 54 6.58 12.15 7.15
CA ILE B 54 6.04 12.03 8.51
C ILE B 54 7.16 11.61 9.46
N ASN B 55 7.29 12.32 10.58
CA ASN B 55 8.31 12.02 11.57
C ASN B 55 7.84 10.80 12.33
N THR B 56 8.74 9.88 12.65
CA THR B 56 8.33 8.68 13.33
C THR B 56 9.38 8.30 14.35
N LEU B 57 9.00 7.47 15.31
CA LEU B 57 9.88 6.98 16.34
C LEU B 57 9.89 5.49 16.09
N GLU B 58 11.09 4.94 15.87
CA GLU B 58 11.28 3.51 15.59
C GLU B 58 11.63 2.67 16.81
N TYR B 59 10.94 1.54 16.95
CA TYR B 59 11.14 0.62 18.05
C TYR B 59 11.37 -0.77 17.43
N LYS B 60 12.53 -1.36 17.70
CA LYS B 60 12.84 -2.69 17.18
C LYS B 60 12.36 -3.80 18.11
N ASN B 61 12.41 -5.01 17.58
CA ASN B 61 12.03 -6.21 18.30
C ASN B 61 10.81 -6.02 19.19
N VAL B 62 9.64 -5.93 18.59
CA VAL B 62 8.40 -5.74 19.32
C VAL B 62 7.45 -6.91 19.08
N GLU B 63 6.94 -7.51 20.16
CA GLU B 63 6.03 -8.65 20.07
C GLU B 63 4.82 -8.26 19.28
N ILE B 64 4.44 -9.09 18.32
CA ILE B 64 3.30 -8.83 17.47
C ILE B 64 2.49 -10.08 17.18
N GLU B 65 1.24 -10.09 17.64
CA GLU B 65 0.37 -11.22 17.37
C GLU B 65 -0.64 -10.71 16.33
N VAL B 66 -0.72 -11.41 15.20
CA VAL B 66 -1.65 -11.09 14.12
C VAL B 66 -1.84 -12.40 13.41
N LEU B 67 -3.00 -12.56 12.77
CA LEU B 67 -3.28 -13.78 12.02
C LEU B 67 -2.81 -15.11 12.67
N ASN B 68 -3.11 -15.24 13.97
CA ASN B 68 -2.80 -16.42 14.79
C ASN B 68 -1.35 -16.88 14.70
N LYS B 69 -0.47 -15.89 14.70
CA LYS B 69 0.97 -16.07 14.59
C LYS B 69 1.66 -14.93 15.32
N LYS B 70 2.74 -15.23 16.03
CA LYS B 70 3.46 -14.17 16.74
C LYS B 70 4.83 -13.99 16.16
N VAL B 71 5.12 -12.75 15.78
CA VAL B 71 6.38 -12.35 15.19
C VAL B 71 6.96 -11.26 16.08
N ARG B 72 8.27 -11.07 16.01
CA ARG B 72 8.97 -10.03 16.75
C ARG B 72 9.50 -9.18 15.61
N ALA B 73 9.11 -7.92 15.52
CA ALA B 73 9.62 -7.06 14.45
C ALA B 73 9.74 -5.62 14.85
N THR B 74 10.20 -4.80 13.90
CA THR B 74 10.38 -3.37 14.09
C THR B 74 9.15 -2.59 13.65
N ILE B 75 8.68 -1.66 14.49
CA ILE B 75 7.54 -0.81 14.11
C ILE B 75 7.84 0.66 14.44
N MET B 76 7.23 1.57 13.67
CA MET B 76 7.39 3.01 13.86
C MET B 76 6.08 3.64 14.29
N THR B 77 6.14 4.49 15.30
CA THR B 77 4.93 5.17 15.77
C THR B 77 4.93 6.60 15.25
N GLY B 78 3.75 7.15 15.02
CA GLY B 78 3.67 8.50 14.52
C GLY B 78 2.31 8.88 14.02
N ASP B 79 2.16 10.14 13.69
CA ASP B 79 0.89 10.68 13.20
C ASP B 79 0.63 10.23 11.76
N THR B 80 0.02 9.05 11.61
CA THR B 80 -0.34 8.50 10.31
C THR B 80 -1.86 8.40 10.31
N PRO B 81 -2.53 8.66 9.16
CA PRO B 81 -3.99 8.63 9.02
C PRO B 81 -4.68 7.26 9.27
N ILE B 82 -3.99 6.18 8.92
CA ILE B 82 -4.48 4.81 9.17
C ILE B 82 -3.20 4.02 9.51
N ASN B 83 -3.31 3.04 10.40
CA ASN B 83 -2.16 2.23 10.84
C ASN B 83 -1.85 1.25 9.74
N ILE B 84 -0.60 1.25 9.29
CA ILE B 84 -0.11 0.40 8.20
C ILE B 84 0.90 -0.68 8.61
N PHE B 85 0.76 -1.88 8.06
CA PHE B 85 1.71 -2.97 8.26
C PHE B 85 2.36 -3.12 6.88
N GLY B 86 3.62 -2.70 6.77
CA GLY B 86 4.30 -2.78 5.49
C GLY B 86 4.95 -4.12 5.26
N ARG B 87 5.77 -4.21 4.22
CA ARG B 87 6.46 -5.45 3.90
C ARG B 87 7.36 -6.04 4.99
N ASN B 88 7.88 -5.19 5.86
CA ASN B 88 8.78 -5.70 6.89
C ASN B 88 8.06 -6.68 7.80
N ILE B 89 6.76 -6.50 7.94
CA ILE B 89 5.98 -7.40 8.77
C ILE B 89 5.36 -8.52 7.93
N LEU B 90 4.94 -8.21 6.72
CA LEU B 90 4.35 -9.22 5.87
C LEU B 90 5.33 -10.34 5.53
N THR B 91 6.61 -10.02 5.34
CA THR B 91 7.61 -11.05 5.02
C THR B 91 7.79 -11.92 6.25
N ALA B 92 7.92 -11.27 7.41
CA ALA B 92 8.07 -11.98 8.67
C ALA B 92 6.86 -12.90 8.93
N LEU B 93 5.73 -12.60 8.30
CA LEU B 93 4.49 -13.38 8.45
C LEU B 93 4.33 -14.49 7.45
N GLY B 94 5.15 -14.47 6.41
CA GLY B 94 5.08 -15.46 5.36
C GLY B 94 3.94 -15.21 4.39
N MET B 95 3.55 -13.95 4.18
CA MET B 95 2.47 -13.60 3.25
C MET B 95 2.93 -13.37 1.81
N SER B 96 2.04 -13.63 0.87
CA SER B 96 2.34 -13.47 -0.55
C SER B 96 1.27 -12.73 -1.37
N LEU B 97 1.70 -12.06 -2.44
CA LEU B 97 0.79 -11.37 -3.35
C LEU B 97 0.69 -12.30 -4.57
N ASN B 98 -0.46 -12.95 -4.69
CA ASN B 98 -0.70 -13.93 -5.74
C ASN B 98 -1.64 -13.50 -6.84
N LEU B 99 -1.46 -14.08 -8.02
CA LEU B 99 -2.32 -13.83 -9.18
C LEU B 99 -2.72 -15.24 -9.63
CA UIN C . 1.23 4.75 0.44
CA2 UIN C . 0.94 6.16 0.29
OA2 UIN C . 1.83 6.97 0.20
OA3 UIN C . -0.34 6.64 0.29
CA4 UIN C . -1.35 5.69 0.46
CA5 UIN C . -1.13 4.31 0.59
CA6 UIN C . 0.19 3.85 0.57
OA6 UIN C . 0.51 2.54 0.73
CB1 UIN C . 3.36 4.43 1.72
CB2 UIN C . 2.83 3.87 2.91
CB3 UIN C . 3.45 4.13 4.13
CB4 UIN C . 4.62 4.91 4.19
CB5 UIN C . 5.16 5.47 3.01
CB6 UIN C . 4.56 5.23 1.78
CG1 UIN C . 2.66 4.20 0.40
CG2 UIN C . 3.48 4.61 -0.81
CG3 UIN C . 3.16 3.85 -2.09
CD1 UIN C . -2.73 6.31 0.44
CD2 UIN C . -3.40 6.55 1.78
CD3 UIN C . -3.96 5.33 2.48
CD4 UIN C . -2.93 4.35 3.06
CD5 UIN C . -2.67 3.10 2.20
CD6 UIN C . -2.28 3.35 0.76
#